data_5N2C
#
_entry.id   5N2C
#
_cell.length_a   70.433
_cell.length_b   104.532
_cell.length_c   110.436
_cell.angle_alpha   90.00
_cell.angle_beta   90.00
_cell.angle_gamma   90.00
#
_symmetry.space_group_name_H-M   'C 2 2 21'
#
loop_
_entity.id
_entity.type
_entity.pdbx_description
1 polymer 'Putative OmpA family lipoprotein'
2 non-polymer 1,2-ETHANEDIOL
3 non-polymer '3-CYCLOHEXYL-1-PROPYLSULFONIC ACID'
4 non-polymer 'OXALATE ION'
5 non-polymer 'ACETATE ION'
6 water water
#
_entity_poly.entity_id   1
_entity_poly.type   'polypeptide(L)'
_entity_poly.pdbx_seq_one_letter_code
;MHHHHHHGKPIPNPLLGLDSTENLYFQGIDPFTAACKSGVKLDDKANNAGAVSTQPSADNVAQVNVDPLNDPNSPLAKRS
IYFDFDSYSVKDEYQPLMQQHAQYLKSHPQRHVLIQGNTDERGTSEYNLALGQKRAEAVRRAMALLGVNDSQMEAVSLGK
EKPQATGHDEASWAQNRRADLVYQQ
;
_entity_poly.pdbx_strand_id   A,B,C
#
# COMPACT_ATOMS: atom_id res chain seq x y z
N ASP A 67 20.91 9.02 -15.87
CA ASP A 67 19.78 9.91 -16.13
C ASP A 67 19.29 10.47 -14.81
N PRO A 68 19.06 11.79 -14.73
CA PRO A 68 18.53 12.35 -13.48
C PRO A 68 17.18 11.74 -13.10
N LEU A 69 16.43 11.21 -14.05
CA LEU A 69 15.18 10.56 -13.73
C LEU A 69 15.38 9.28 -12.92
N ASN A 70 16.56 8.67 -12.99
CA ASN A 70 16.83 7.45 -12.22
C ASN A 70 17.81 7.71 -11.09
N ASP A 71 18.03 8.97 -10.74
CA ASP A 71 18.92 9.33 -9.64
C ASP A 71 18.10 9.56 -8.38
N PRO A 72 18.17 8.67 -7.37
CA PRO A 72 17.26 8.79 -6.20
C PRO A 72 17.43 10.04 -5.38
N ASN A 73 18.55 10.76 -5.56
CA ASN A 73 18.82 12.00 -4.84
C ASN A 73 18.69 13.24 -5.72
N SER A 74 18.22 13.10 -6.96
CA SER A 74 17.81 14.24 -7.76
C SER A 74 16.53 14.87 -7.19
N PRO A 75 16.31 16.18 -7.43
CA PRO A 75 14.98 16.74 -7.12
C PRO A 75 13.84 16.05 -7.86
N LEU A 76 14.11 15.42 -9.02
CA LEU A 76 13.10 14.69 -9.78
C LEU A 76 12.68 13.39 -9.11
N ALA A 77 13.36 12.98 -8.04
CA ALA A 77 12.95 11.76 -7.36
C ALA A 77 11.58 11.90 -6.72
N LYS A 78 11.18 13.12 -6.34
CA LYS A 78 9.82 13.38 -5.87
C LYS A 78 8.91 13.53 -7.09
N ARG A 79 7.80 12.80 -7.08
CA ARG A 79 6.95 12.62 -8.27
C ARG A 79 5.49 12.95 -8.03
N SER A 80 5.14 13.49 -6.87
CA SER A 80 3.75 13.56 -6.44
C SER A 80 3.42 14.95 -5.87
N ILE A 81 2.21 15.37 -6.18
CA ILE A 81 1.59 16.61 -5.72
C ILE A 81 0.36 16.22 -4.90
N TYR A 82 0.26 16.78 -3.70
CA TYR A 82 -0.79 16.43 -2.74
C TYR A 82 -1.79 17.57 -2.62
N PHE A 83 -3.06 17.21 -2.41
CA PHE A 83 -4.18 18.15 -2.43
C PHE A 83 -4.95 18.16 -1.13
N ASP A 84 -5.59 19.29 -0.89
CA ASP A 84 -6.52 19.40 0.24
C ASP A 84 -7.87 18.77 -0.09
N PHE A 85 -8.64 18.55 0.97
CA PHE A 85 -9.92 17.87 0.87
C PHE A 85 -10.86 18.62 -0.05
N ASP A 86 -11.44 17.87 -0.98
CA ASP A 86 -12.38 18.39 -1.97
C ASP A 86 -11.80 19.55 -2.80
N SER A 87 -10.49 19.56 -3.02
CA SER A 87 -9.82 20.62 -3.77
C SER A 87 -8.93 20.06 -4.87
N TYR A 88 -8.87 20.76 -6.00
CA TYR A 88 -7.88 20.50 -7.05
C TYR A 88 -6.91 21.68 -7.22
N SER A 89 -6.85 22.56 -6.23
CA SER A 89 -5.85 23.61 -6.21
C SER A 89 -4.45 23.03 -6.05
N VAL A 90 -3.53 23.45 -6.92
CA VAL A 90 -2.13 23.06 -6.86
C VAL A 90 -1.49 24.02 -5.87
N LYS A 91 -1.09 23.49 -4.74
CA LYS A 91 -0.54 24.35 -3.68
C LYS A 91 0.80 24.93 -4.11
N ASP A 92 1.06 26.18 -3.72
CA ASP A 92 2.30 26.85 -4.11
C ASP A 92 3.55 26.09 -3.66
N GLU A 93 3.48 25.36 -2.56
CA GLU A 93 4.64 24.60 -2.13
C GLU A 93 5.07 23.51 -3.12
N TYR A 94 4.25 23.18 -4.13
CA TYR A 94 4.64 22.23 -5.16
C TYR A 94 5.09 22.89 -6.47
N GLN A 95 5.02 24.22 -6.57
CA GLN A 95 5.57 24.86 -7.77
C GLN A 95 7.04 24.57 -8.01
N PRO A 96 7.93 24.54 -7.00
CA PRO A 96 9.33 24.18 -7.30
C PRO A 96 9.49 22.79 -7.91
N LEU A 97 8.79 21.80 -7.36
CA LEU A 97 8.80 20.46 -7.93
C LEU A 97 8.37 20.47 -9.38
N MET A 98 7.28 21.19 -9.67
CA MET A 98 6.81 21.26 -11.05
C MET A 98 7.82 21.98 -11.93
N GLN A 99 8.50 22.98 -11.40
CA GLN A 99 9.54 23.64 -12.19
C GLN A 99 10.68 22.69 -12.51
N GLN A 100 11.05 21.85 -11.56
CA GLN A 100 12.15 20.93 -11.80
C GLN A 100 11.78 19.94 -12.89
N HIS A 101 10.56 19.40 -12.84
CA HIS A 101 10.12 18.43 -13.85
C HIS A 101 9.92 19.11 -15.18
N ALA A 102 9.41 20.33 -15.15
CA ALA A 102 9.28 21.10 -16.38
C ALA A 102 10.63 21.32 -17.04
N GLN A 103 11.64 21.73 -16.26
CA GLN A 103 12.99 21.88 -16.82
C GLN A 103 13.50 20.57 -17.42
N TYR A 104 13.24 19.44 -16.75
CA TYR A 104 13.65 18.14 -17.27
C TYR A 104 12.99 17.86 -18.62
N LEU A 105 11.67 18.03 -18.69
CA LEU A 105 10.91 17.74 -19.91
C LEU A 105 11.29 18.67 -21.05
N LYS A 106 11.55 19.95 -20.75
CA LYS A 106 11.95 20.87 -21.80
C LYS A 106 13.38 20.63 -22.31
N SER A 107 14.21 19.87 -21.58
CA SER A 107 15.58 19.58 -22.00
C SER A 107 15.74 18.11 -22.37
N HIS A 108 14.63 17.37 -22.41
CA HIS A 108 14.58 15.97 -22.86
C HIS A 108 13.32 15.83 -23.71
N PRO A 109 13.38 16.30 -24.97
CA PRO A 109 12.12 16.54 -25.71
CA PRO A 109 12.11 16.55 -25.70
C PRO A 109 11.39 15.29 -26.14
N GLN A 110 12.01 14.12 -26.05
CA GLN A 110 11.33 12.88 -26.36
C GLN A 110 10.81 12.17 -25.11
N ARG A 111 10.94 12.77 -23.92
CA ARG A 111 10.42 12.15 -22.71
C ARG A 111 8.96 12.55 -22.53
N HIS A 112 8.11 11.56 -22.29
CA HIS A 112 6.69 11.78 -22.06
C HIS A 112 6.32 11.45 -20.64
N VAL A 113 5.35 12.18 -20.10
CA VAL A 113 4.88 11.95 -18.74
C VAL A 113 3.37 11.81 -18.73
N LEU A 114 2.89 10.89 -17.91
CA LEU A 114 1.47 10.65 -17.70
C LEU A 114 1.15 11.16 -16.30
N ILE A 115 0.26 12.12 -16.21
CA ILE A 115 -0.14 12.71 -14.94
C ILE A 115 -1.40 11.96 -14.49
N GLN A 116 -1.30 11.25 -13.35
CA GLN A 116 -2.41 10.46 -12.83
C GLN A 116 -3.01 11.11 -11.60
N GLY A 117 -4.31 11.45 -11.68
CA GLY A 117 -5.00 12.06 -10.56
C GLY A 117 -5.74 11.02 -9.73
N ASN A 118 -5.69 11.19 -8.42
CA ASN A 118 -6.30 10.29 -7.43
C ASN A 118 -7.05 11.09 -6.35
N THR A 119 -7.96 10.39 -5.67
CA THR A 119 -8.73 10.98 -4.58
C THR A 119 -8.72 10.07 -3.36
N ASP A 120 -9.10 10.63 -2.20
CA ASP A 120 -9.43 9.71 -1.12
C ASP A 120 -10.83 9.14 -1.35
N GLU A 121 -11.21 8.18 -0.50
CA GLU A 121 -12.40 7.37 -0.72
C GLU A 121 -13.71 8.12 -0.48
N ARG A 122 -13.69 9.29 0.14
CA ARG A 122 -14.95 9.93 0.50
C ARG A 122 -15.68 10.44 -0.74
N GLY A 123 -16.93 10.05 -0.88
CA GLY A 123 -17.77 10.48 -1.98
C GLY A 123 -17.90 9.40 -3.05
N THR A 124 -18.80 9.62 -3.99
CA THR A 124 -19.09 8.59 -4.98
C THR A 124 -17.91 8.36 -5.91
N SER A 125 -17.93 7.18 -6.57
CA SER A 125 -16.94 6.89 -7.60
C SER A 125 -16.97 7.94 -8.70
N GLU A 126 -18.18 8.32 -9.11
CA GLU A 126 -18.34 9.32 -10.17
C GLU A 126 -17.77 10.67 -9.76
N TYR A 127 -18.10 11.14 -8.56
CA TYR A 127 -17.58 12.40 -8.07
C TYR A 127 -16.05 12.41 -8.08
N ASN A 128 -15.45 11.32 -7.62
CA ASN A 128 -14.01 11.27 -7.45
C ASN A 128 -13.28 11.01 -8.77
N LEU A 129 -13.90 10.35 -9.74
CA LEU A 129 -13.27 10.27 -11.07
C LEU A 129 -13.11 11.67 -11.65
N ALA A 130 -14.15 12.49 -11.54
CA ALA A 130 -14.09 13.86 -12.01
C ALA A 130 -13.10 14.69 -11.19
N LEU A 131 -13.08 14.52 -9.86
CA LEU A 131 -12.13 15.30 -9.07
C LEU A 131 -10.70 14.91 -9.38
N GLY A 132 -10.42 13.62 -9.51
CA GLY A 132 -9.09 13.19 -9.92
C GLY A 132 -8.68 13.73 -11.28
N GLN A 133 -9.65 13.85 -12.21
CA GLN A 133 -9.34 14.42 -13.50
C GLN A 133 -8.95 15.89 -13.37
N LYS A 134 -9.68 16.64 -12.54
CA LYS A 134 -9.35 18.06 -12.34
C LYS A 134 -7.98 18.21 -11.70
N ARG A 135 -7.60 17.28 -10.83
CA ARG A 135 -6.29 17.32 -10.21
C ARG A 135 -5.18 17.10 -11.26
N ALA A 136 -5.36 16.12 -12.14
CA ALA A 136 -4.36 15.82 -13.17
C ALA A 136 -4.29 16.96 -14.19
N GLU A 137 -5.45 17.51 -14.57
CA GLU A 137 -5.52 18.64 -15.49
C GLU A 137 -4.92 19.90 -14.89
N ALA A 138 -5.05 20.09 -13.58
CA ALA A 138 -4.44 21.25 -12.95
C ALA A 138 -2.92 21.17 -12.98
N VAL A 139 -2.37 19.97 -12.74
CA VAL A 139 -0.93 19.78 -12.81
C VAL A 139 -0.46 19.93 -14.25
N ARG A 140 -1.17 19.33 -15.19
CA ARG A 140 -0.77 19.48 -16.60
C ARG A 140 -0.76 20.96 -16.99
N ARG A 141 -1.79 21.72 -16.61
CA ARG A 141 -1.85 23.14 -16.94
C ARG A 141 -0.69 23.92 -16.31
N ALA A 142 -0.39 23.64 -15.05
CA ALA A 142 0.73 24.32 -14.39
C ALA A 142 2.06 24.02 -15.08
N MET A 143 2.26 22.80 -15.54
CA MET A 143 3.50 22.51 -16.23
CA MET A 143 3.46 22.41 -16.28
C MET A 143 3.50 23.08 -17.65
N ALA A 144 2.35 23.15 -18.31
CA ALA A 144 2.24 23.86 -19.58
C ALA A 144 2.63 25.32 -19.40
N LEU A 145 2.12 25.98 -18.34
CA LEU A 145 2.49 27.38 -18.10
C LEU A 145 3.99 27.53 -17.85
N LEU A 146 4.64 26.50 -17.34
CA LEU A 146 6.08 26.49 -17.14
C LEU A 146 6.86 26.15 -18.42
N GLY A 147 6.16 25.95 -19.54
CA GLY A 147 6.81 25.79 -20.83
C GLY A 147 6.81 24.40 -21.40
N VAL A 148 6.29 23.37 -20.71
CA VAL A 148 6.30 22.02 -21.25
C VAL A 148 5.36 21.95 -22.45
N ASN A 149 5.88 21.40 -23.56
CA ASN A 149 5.07 21.23 -24.75
C ASN A 149 3.97 20.20 -24.49
N ASP A 150 2.74 20.53 -24.89
CA ASP A 150 1.58 19.65 -24.68
C ASP A 150 1.80 18.24 -25.19
N SER A 151 2.59 18.07 -26.27
CA SER A 151 2.84 16.77 -26.85
CA SER A 151 2.81 16.75 -26.84
C SER A 151 3.56 15.81 -25.91
N GLN A 152 4.18 16.30 -24.84
CA GLN A 152 4.88 15.40 -23.93
C GLN A 152 4.09 15.03 -22.68
N MET A 153 2.82 15.46 -22.57
CA MET A 153 2.02 15.26 -21.37
C MET A 153 0.64 14.70 -21.72
N GLU A 154 0.15 13.83 -20.84
CA GLU A 154 -1.21 13.35 -20.85
C GLU A 154 -1.70 13.38 -19.40
N ALA A 155 -3.00 13.59 -19.21
CA ALA A 155 -3.66 13.67 -17.91
C ALA A 155 -4.79 12.65 -17.86
N VAL A 156 -4.82 11.84 -16.79
CA VAL A 156 -5.82 10.79 -16.62
C VAL A 156 -6.22 10.73 -15.15
N SER A 157 -7.37 10.14 -14.91
CA SER A 157 -7.91 10.01 -13.56
C SER A 157 -8.02 8.55 -13.17
N LEU A 158 -7.57 8.21 -11.96
CA LEU A 158 -7.88 6.95 -11.33
C LEU A 158 -8.97 7.08 -10.26
N GLY A 159 -9.53 8.27 -10.07
CA GLY A 159 -10.56 8.45 -9.06
C GLY A 159 -10.12 7.96 -7.69
N LYS A 160 -11.05 7.30 -7.00
CA LYS A 160 -10.73 6.66 -5.72
C LYS A 160 -10.37 5.20 -5.88
N GLU A 161 -10.17 4.73 -7.12
CA GLU A 161 -10.13 3.30 -7.39
C GLU A 161 -8.79 2.65 -7.05
N LYS A 162 -7.72 3.41 -6.87
CA LYS A 162 -6.38 2.86 -6.71
C LYS A 162 -5.71 3.52 -5.52
N PRO A 163 -6.26 3.32 -4.31
CA PRO A 163 -5.66 3.95 -3.13
C PRO A 163 -4.26 3.42 -2.87
N GLN A 164 -3.38 4.33 -2.51
CA GLN A 164 -2.04 3.97 -2.11
C GLN A 164 -2.04 3.53 -0.65
N ALA A 165 -2.62 4.34 0.22
CA ALA A 165 -2.81 4.02 1.63
C ALA A 165 -4.22 3.48 1.78
N THR A 166 -4.37 2.33 2.45
CA THR A 166 -5.62 1.58 2.40
C THR A 166 -6.44 1.69 3.69
N GLY A 167 -6.05 2.54 4.62
CA GLY A 167 -6.83 2.78 5.81
C GLY A 167 -7.98 3.75 5.60
N HIS A 168 -8.79 3.92 6.66
CA HIS A 168 -10.04 4.64 6.55
C HIS A 168 -10.09 5.81 7.52
N ASP A 169 -9.01 6.59 7.56
CA ASP A 169 -9.00 7.88 8.24
C ASP A 169 -8.02 8.82 7.53
N GLU A 170 -7.90 10.02 8.08
CA GLU A 170 -7.14 11.08 7.41
C GLU A 170 -5.66 10.72 7.21
N ALA A 171 -5.10 9.86 8.06
CA ALA A 171 -3.70 9.47 7.84
C ALA A 171 -3.52 8.79 6.49
N SER A 172 -4.51 8.01 6.05
CA SER A 172 -4.49 7.42 4.73
C SER A 172 -5.02 8.40 3.68
N TRP A 173 -6.13 9.09 3.99
CA TRP A 173 -6.78 9.88 2.94
C TRP A 173 -5.87 10.98 2.43
N ALA A 174 -5.05 11.59 3.30
CA ALA A 174 -4.18 12.65 2.82
C ALA A 174 -3.18 12.15 1.79
N GLN A 175 -2.73 10.89 1.91
CA GLN A 175 -1.78 10.31 0.96
C GLN A 175 -2.44 10.04 -0.38
N ASN A 176 -3.76 9.92 -0.41
CA ASN A 176 -4.47 9.52 -1.61
C ASN A 176 -5.01 10.69 -2.41
N ARG A 177 -5.01 11.90 -1.84
CA ARG A 177 -5.43 13.10 -2.56
C ARG A 177 -4.18 13.58 -3.28
N ARG A 178 -3.92 12.99 -4.45
CA ARG A 178 -2.57 13.02 -4.99
C ARG A 178 -2.56 12.89 -6.52
N ALA A 179 -1.69 13.66 -7.18
CA ALA A 179 -1.37 13.46 -8.59
C ALA A 179 0.06 13.00 -8.72
N ASP A 180 0.28 11.98 -9.52
CA ASP A 180 1.61 11.42 -9.76
C ASP A 180 2.08 11.76 -11.17
N LEU A 181 3.34 12.14 -11.28
CA LEU A 181 4.02 12.24 -12.57
C LEU A 181 4.64 10.88 -12.87
N VAL A 182 4.08 10.18 -13.84
CA VAL A 182 4.57 8.84 -14.19
C VAL A 182 5.24 8.88 -15.55
N TYR A 183 6.57 8.81 -15.56
CA TYR A 183 7.31 8.87 -16.81
C TYR A 183 7.24 7.55 -17.58
N GLN A 184 7.06 7.67 -18.88
CA GLN A 184 7.07 6.49 -19.73
C GLN A 184 8.53 6.09 -19.94
N GLN A 185 8.92 4.93 -19.41
CA GLN A 185 10.30 4.43 -19.45
C GLN A 185 10.45 3.02 -20.06
N ASP B 67 -18.58 20.56 8.91
CA ASP B 67 -18.94 19.23 9.40
C ASP B 67 -17.83 18.69 10.28
N PRO B 68 -18.11 18.44 11.56
CA PRO B 68 -17.07 17.81 12.39
C PRO B 68 -16.55 16.52 11.79
N LEU B 69 -17.34 15.83 10.97
CA LEU B 69 -16.89 14.57 10.38
C LEU B 69 -15.68 14.74 9.47
N ASN B 70 -15.45 15.94 8.94
CA ASN B 70 -14.30 16.18 8.06
C ASN B 70 -13.27 17.08 8.72
N ASP B 71 -13.40 17.31 10.02
CA ASP B 71 -12.48 18.13 10.75
C ASP B 71 -11.41 17.25 11.37
N PRO B 72 -10.14 17.45 10.84
CA PRO B 72 -9.10 16.59 11.41
C PRO B 72 -8.81 16.82 12.85
N ASN B 73 -9.30 17.89 13.44
CA ASN B 73 -9.02 18.11 14.83
C ASN B 73 -10.22 17.78 15.75
N SER B 74 -11.22 17.14 15.17
CA SER B 74 -12.36 16.69 15.91
C SER B 74 -12.05 15.32 16.46
N PRO B 75 -12.73 15.00 17.63
CA PRO B 75 -12.50 13.65 18.12
C PRO B 75 -13.00 12.62 17.11
N LEU B 76 -13.96 12.98 16.27
CA LEU B 76 -14.46 12.11 15.23
C LEU B 76 -13.37 11.70 14.23
N ALA B 77 -12.20 12.35 14.24
CA ALA B 77 -11.14 12.00 13.30
C ALA B 77 -10.68 10.55 13.46
N LYS B 78 -10.70 10.02 14.68
CA LYS B 78 -10.35 8.62 14.90
C LYS B 78 -11.52 7.71 14.50
N ARG B 79 -11.21 6.64 13.78
CA ARG B 79 -12.21 5.82 13.12
C ARG B 79 -12.08 4.34 13.43
N SER B 80 -11.13 3.95 14.28
CA SER B 80 -10.78 2.55 14.37
C SER B 80 -10.71 2.08 15.80
N ILE B 81 -11.12 0.82 15.97
CA ILE B 81 -11.11 0.10 17.24
C ILE B 81 -10.25 -1.13 17.05
N TYR B 82 -9.24 -1.30 17.91
CA TYR B 82 -8.29 -2.40 17.78
C TYR B 82 -8.55 -3.46 18.83
N PHE B 83 -8.29 -4.72 18.46
CA PHE B 83 -8.65 -5.89 19.26
C PHE B 83 -7.44 -6.77 19.56
N ASP B 84 -7.53 -7.49 20.67
CA ASP B 84 -6.53 -8.49 21.02
C ASP B 84 -6.70 -9.78 20.23
N PHE B 85 -5.65 -10.61 20.25
CA PHE B 85 -5.63 -11.82 19.44
C PHE B 85 -6.82 -12.73 19.78
N ASP B 86 -7.54 -13.15 18.74
CA ASP B 86 -8.69 -14.05 18.86
C ASP B 86 -9.80 -13.49 19.75
N SER B 87 -9.93 -12.17 19.87
CA SER B 87 -10.99 -11.60 20.71
C SER B 87 -11.81 -10.58 19.92
N TYR B 88 -13.10 -10.50 20.26
CA TYR B 88 -13.95 -9.41 19.79
C TYR B 88 -14.39 -8.50 20.91
N SER B 89 -13.67 -8.53 22.03
CA SER B 89 -13.97 -7.61 23.12
C SER B 89 -13.58 -6.18 22.74
N VAL B 90 -14.53 -5.26 22.91
CA VAL B 90 -14.24 -3.83 22.73
C VAL B 90 -13.63 -3.30 24.02
N LYS B 91 -12.38 -2.88 23.93
CA LYS B 91 -11.68 -2.42 25.13
C LYS B 91 -12.24 -1.09 25.62
N ASP B 92 -12.18 -0.90 26.93
CA ASP B 92 -12.77 0.29 27.52
C ASP B 92 -12.07 1.56 27.05
N GLU B 93 -10.81 1.47 26.61
CA GLU B 93 -10.14 2.68 26.15
C GLU B 93 -10.85 3.28 24.94
N TYR B 94 -11.72 2.51 24.30
CA TYR B 94 -12.45 2.98 23.12
C TYR B 94 -13.84 3.50 23.44
N GLN B 95 -14.30 3.41 24.68
CA GLN B 95 -15.63 3.92 24.96
C GLN B 95 -15.74 5.40 24.66
N PRO B 96 -14.75 6.23 24.95
CA PRO B 96 -14.92 7.67 24.66
C PRO B 96 -15.08 7.95 23.17
N LEU B 97 -14.28 7.26 22.33
CA LEU B 97 -14.41 7.39 20.88
C LEU B 97 -15.81 7.01 20.43
N MET B 98 -16.36 5.92 20.97
CA MET B 98 -17.68 5.50 20.55
CA MET B 98 -17.69 5.49 20.55
C MET B 98 -18.76 6.47 21.04
N GLN B 99 -18.56 7.05 22.23
CA GLN B 99 -19.47 8.07 22.73
C GLN B 99 -19.50 9.27 21.81
N GLN B 100 -18.33 9.64 21.30
CA GLN B 100 -18.26 10.79 20.39
C GLN B 100 -19.01 10.49 19.10
N HIS B 101 -18.77 9.32 18.49
CA HIS B 101 -19.45 8.97 17.27
C HIS B 101 -20.95 8.76 17.52
N ALA B 102 -21.30 8.20 18.67
CA ALA B 102 -22.71 8.09 19.04
C ALA B 102 -23.36 9.47 19.10
N GLN B 103 -22.73 10.42 19.80
CA GLN B 103 -23.28 11.77 19.86
C GLN B 103 -23.47 12.34 18.45
N TYR B 104 -22.49 12.17 17.57
CA TYR B 104 -22.62 12.71 16.22
C TYR B 104 -23.79 12.06 15.48
N LEU B 105 -23.89 10.74 15.53
CA LEU B 105 -24.92 10.03 14.80
C LEU B 105 -26.31 10.41 15.31
N LYS B 106 -26.47 10.52 16.62
CA LYS B 106 -27.77 10.85 17.18
C LYS B 106 -28.24 12.23 16.73
N SER B 107 -27.31 13.17 16.57
CA SER B 107 -27.67 14.53 16.19
C SER B 107 -27.59 14.78 14.68
N HIS B 108 -27.36 13.74 13.88
CA HIS B 108 -27.35 13.81 12.41
C HIS B 108 -28.06 12.60 11.84
N PRO B 109 -29.40 12.54 11.95
CA PRO B 109 -30.12 11.30 11.59
C PRO B 109 -29.97 10.87 10.12
N GLN B 110 -29.47 11.74 9.23
CA GLN B 110 -29.22 11.35 7.85
C GLN B 110 -27.92 10.57 7.70
N ARG B 111 -27.05 10.62 8.69
CA ARG B 111 -25.75 9.98 8.57
C ARG B 111 -25.87 8.50 8.88
N HIS B 112 -25.23 7.69 8.04
CA HIS B 112 -25.16 6.25 8.20
C HIS B 112 -23.71 5.84 8.27
N VAL B 113 -23.41 4.89 9.13
CA VAL B 113 -22.05 4.38 9.30
C VAL B 113 -22.04 2.87 9.05
N LEU B 114 -21.05 2.44 8.29
CA LEU B 114 -20.75 1.04 8.07
C LEU B 114 -19.60 0.64 8.97
N ILE B 115 -19.83 -0.34 9.84
CA ILE B 115 -18.81 -0.86 10.75
C ILE B 115 -18.20 -2.09 10.08
N GLN B 116 -16.92 -1.99 9.69
CA GLN B 116 -16.24 -3.08 8.98
C GLN B 116 -15.26 -3.80 9.89
N GLY B 117 -15.46 -5.10 10.09
CA GLY B 117 -14.57 -5.88 10.94
C GLY B 117 -13.47 -6.59 10.15
N ASN B 118 -12.28 -6.63 10.72
CA ASN B 118 -11.12 -7.24 10.09
C ASN B 118 -10.37 -8.12 11.09
N THR B 119 -9.54 -9.00 10.54
CA THR B 119 -8.72 -9.90 11.33
C THR B 119 -7.28 -9.93 10.83
N ASP B 120 -6.37 -10.44 11.65
CA ASP B 120 -5.04 -10.72 11.13
C ASP B 120 -5.07 -12.06 10.39
N GLU B 121 -3.95 -12.45 9.79
CA GLU B 121 -3.96 -13.52 8.78
C GLU B 121 -4.04 -14.92 9.39
N ARG B 122 -3.93 -15.07 10.70
CA ARG B 122 -3.83 -16.40 11.27
C ARG B 122 -5.21 -17.02 11.43
N GLY B 123 -5.34 -18.27 10.98
CA GLY B 123 -6.61 -18.94 10.93
C GLY B 123 -7.21 -18.92 9.54
N THR B 124 -8.24 -19.74 9.35
CA THR B 124 -8.83 -19.88 8.03
C THR B 124 -9.67 -18.67 7.63
N SER B 125 -9.94 -18.58 6.34
CA SER B 125 -10.83 -17.53 5.82
C SER B 125 -12.20 -17.59 6.50
N GLU B 126 -12.76 -18.80 6.66
CA GLU B 126 -14.05 -18.94 7.33
C GLU B 126 -13.98 -18.47 8.77
N TYR B 127 -13.00 -18.95 9.53
CA TYR B 127 -12.87 -18.56 10.94
C TYR B 127 -12.83 -17.04 11.06
N ASN B 128 -12.01 -16.41 10.23
CA ASN B 128 -11.79 -14.98 10.35
C ASN B 128 -12.95 -14.17 9.80
N LEU B 129 -13.70 -14.69 8.84
CA LEU B 129 -14.89 -13.98 8.40
C LEU B 129 -15.86 -13.81 9.57
N ALA B 130 -16.08 -14.91 10.32
CA ALA B 130 -16.93 -14.87 11.50
C ALA B 130 -16.33 -14.02 12.61
N LEU B 131 -15.02 -14.09 12.84
CA LEU B 131 -14.44 -13.26 13.90
C LEU B 131 -14.56 -11.78 13.55
N GLY B 132 -14.28 -11.42 12.30
CA GLY B 132 -14.49 -10.06 11.86
C GLY B 132 -15.93 -9.61 12.05
N GLN B 133 -16.88 -10.50 11.79
CA GLN B 133 -18.29 -10.16 12.01
C GLN B 133 -18.58 -9.93 13.49
N LYS B 134 -18.05 -10.78 14.37
CA LYS B 134 -18.26 -10.56 15.80
C LYS B 134 -17.67 -9.24 16.25
N ARG B 135 -16.51 -8.87 15.69
CA ARG B 135 -15.92 -7.57 16.03
C ARG B 135 -16.83 -6.42 15.60
N ALA B 136 -17.39 -6.49 14.39
CA ALA B 136 -18.21 -5.40 13.91
C ALA B 136 -19.51 -5.33 14.68
N GLU B 137 -20.06 -6.49 15.04
CA GLU B 137 -21.29 -6.54 15.82
C GLU B 137 -21.06 -6.04 17.23
N ALA B 138 -19.87 -6.28 17.80
CA ALA B 138 -19.56 -5.80 19.14
C ALA B 138 -19.54 -4.28 19.18
N VAL B 139 -18.99 -3.66 18.14
CA VAL B 139 -18.98 -2.20 18.07
C VAL B 139 -20.40 -1.67 17.86
N ARG B 140 -21.17 -2.31 16.96
CA ARG B 140 -22.55 -1.87 16.75
C ARG B 140 -23.37 -1.95 18.04
N ARG B 141 -23.19 -3.01 18.84
CA ARG B 141 -23.96 -3.13 20.09
C ARG B 141 -23.53 -2.08 21.10
N ALA B 142 -22.23 -1.83 21.19
CA ALA B 142 -21.75 -0.79 22.09
C ALA B 142 -22.32 0.58 21.72
N MET B 143 -22.44 0.87 20.43
CA MET B 143 -23.00 2.14 20.02
CA MET B 143 -23.00 2.16 20.05
C MET B 143 -24.52 2.17 20.15
N ALA B 144 -25.18 1.01 20.00
CA ALA B 144 -26.61 0.92 20.26
C ALA B 144 -26.92 1.23 21.72
N LEU B 145 -26.09 0.72 22.65
CA LEU B 145 -26.23 1.00 24.07
C LEU B 145 -25.94 2.46 24.41
N LEU B 146 -25.29 3.20 23.52
CA LEU B 146 -25.07 4.62 23.73
C LEU B 146 -26.16 5.47 23.08
N GLY B 147 -27.19 4.85 22.52
CA GLY B 147 -28.33 5.56 21.97
C GLY B 147 -28.44 5.55 20.46
N VAL B 148 -27.46 5.03 19.71
CA VAL B 148 -27.52 5.11 18.25
C VAL B 148 -28.63 4.24 17.72
N ASN B 149 -29.45 4.79 16.83
CA ASN B 149 -30.53 4.02 16.23
C ASN B 149 -29.95 2.98 15.28
N ASP B 150 -30.45 1.76 15.38
CA ASP B 150 -29.93 0.66 14.58
C ASP B 150 -30.03 0.94 13.09
N SER B 151 -30.97 1.81 12.68
CA SER B 151 -31.16 2.15 11.29
C SER B 151 -30.04 3.04 10.74
N GLN B 152 -29.17 3.53 11.60
CA GLN B 152 -28.03 4.33 11.15
C GLN B 152 -26.74 3.54 11.09
N MET B 153 -26.76 2.25 11.42
CA MET B 153 -25.56 1.42 11.43
C MET B 153 -25.76 0.13 10.65
N GLU B 154 -24.67 -0.34 10.02
CA GLU B 154 -24.56 -1.68 9.46
C GLU B 154 -23.24 -2.27 9.92
N ALA B 155 -23.23 -3.56 10.22
CA ALA B 155 -22.03 -4.29 10.64
C ALA B 155 -21.73 -5.34 9.59
N VAL B 156 -20.51 -5.29 9.02
CA VAL B 156 -20.06 -6.26 8.02
C VAL B 156 -18.63 -6.71 8.32
N SER B 157 -18.24 -7.81 7.69
CA SER B 157 -16.95 -8.43 7.94
C SER B 157 -16.15 -8.49 6.65
N LEU B 158 -14.88 -8.11 6.72
CA LEU B 158 -13.93 -8.36 5.65
C LEU B 158 -13.01 -9.51 5.97
N GLY B 159 -13.18 -10.15 7.12
CA GLY B 159 -12.32 -11.24 7.53
C GLY B 159 -10.85 -10.88 7.46
N LYS B 160 -10.05 -11.78 6.91
CA LYS B 160 -8.64 -11.49 6.70
C LYS B 160 -8.37 -11.11 5.26
N GLU B 161 -9.41 -10.75 4.51
CA GLU B 161 -9.24 -10.57 3.07
C GLU B 161 -8.66 -9.21 2.68
N LYS B 162 -8.75 -8.17 3.54
CA LYS B 162 -8.31 -6.81 3.21
C LYS B 162 -7.33 -6.28 4.23
N PRO B 163 -6.16 -6.89 4.35
CA PRO B 163 -5.19 -6.44 5.36
C PRO B 163 -4.65 -5.06 5.04
N GLN B 164 -4.48 -4.25 6.09
CA GLN B 164 -3.80 -2.97 5.97
C GLN B 164 -2.29 -3.15 5.94
N ALA B 165 -1.76 -3.82 6.96
CA ALA B 165 -0.35 -4.11 7.06
C ALA B 165 -0.09 -5.51 6.52
N THR B 166 0.90 -5.64 5.63
CA THR B 166 1.13 -6.90 4.91
C THR B 166 2.30 -7.70 5.44
N GLY B 167 3.05 -7.18 6.41
CA GLY B 167 4.09 -7.95 7.05
C GLY B 167 3.54 -9.06 7.93
N HIS B 168 4.44 -9.93 8.36
CA HIS B 168 4.10 -11.14 9.11
C HIS B 168 4.75 -11.06 10.49
N ASP B 169 4.28 -10.12 11.31
CA ASP B 169 4.90 -9.83 12.60
C ASP B 169 3.81 -9.33 13.53
N GLU B 170 4.13 -9.26 14.83
CA GLU B 170 3.13 -8.83 15.81
C GLU B 170 2.58 -7.44 15.46
N ALA B 171 3.43 -6.54 14.93
CA ALA B 171 2.97 -5.16 14.69
C ALA B 171 1.96 -5.12 13.53
N SER B 172 2.22 -5.84 12.45
CA SER B 172 1.29 -5.89 11.32
C SER B 172 -0.01 -6.55 11.74
N TRP B 173 0.10 -7.69 12.45
CA TRP B 173 -1.09 -8.42 12.89
C TRP B 173 -1.98 -7.55 13.78
N ALA B 174 -1.39 -6.83 14.74
CA ALA B 174 -2.20 -5.98 15.61
C ALA B 174 -2.92 -4.91 14.79
N GLN B 175 -2.26 -4.39 13.75
CA GLN B 175 -2.88 -3.34 12.95
C GLN B 175 -4.13 -3.85 12.24
N ASN B 176 -4.19 -5.15 11.97
CA ASN B 176 -5.26 -5.70 11.16
C ASN B 176 -6.39 -6.31 12.01
N ARG B 177 -6.22 -6.39 13.31
CA ARG B 177 -7.29 -6.80 14.23
C ARG B 177 -8.07 -5.54 14.59
N ARG B 178 -9.02 -5.20 13.72
CA ARG B 178 -9.48 -3.82 13.68
C ARG B 178 -10.91 -3.74 13.15
N ALA B 179 -11.69 -2.85 13.75
CA ALA B 179 -12.98 -2.46 13.20
C ALA B 179 -12.94 -0.99 12.80
N ASP B 180 -13.43 -0.68 11.61
CA ASP B 180 -13.41 0.71 11.13
C ASP B 180 -14.84 1.23 11.03
N LEU B 181 -15.03 2.46 11.49
CA LEU B 181 -16.27 3.20 11.24
C LEU B 181 -16.12 3.93 9.91
N VAL B 182 -16.88 3.51 8.92
CA VAL B 182 -16.81 4.09 7.59
C VAL B 182 -18.13 4.79 7.30
N TYR B 183 -18.09 6.12 7.25
CA TYR B 183 -19.28 6.93 7.00
C TYR B 183 -19.52 7.04 5.51
N GLN B 184 -20.77 6.84 5.11
CA GLN B 184 -21.11 6.96 3.71
C GLN B 184 -21.19 8.45 3.37
N GLN B 185 -20.33 8.89 2.44
CA GLN B 185 -20.29 10.30 1.99
C GLN B 185 -20.35 10.42 0.48
N ASP C 67 8.75 -23.99 15.88
CA ASP C 67 9.24 -24.23 14.53
C ASP C 67 9.83 -22.94 13.94
N PRO C 68 11.14 -22.93 13.63
CA PRO C 68 11.81 -21.64 13.34
C PRO C 68 11.18 -20.81 12.25
N LEU C 69 10.47 -21.43 11.29
CA LEU C 69 9.86 -20.66 10.22
C LEU C 69 8.57 -19.97 10.64
N ASN C 70 8.07 -20.28 11.84
CA ASN C 70 6.91 -19.62 12.40
C ASN C 70 7.29 -18.60 13.46
N ASP C 71 8.58 -18.47 13.78
CA ASP C 71 9.03 -17.54 14.80
C ASP C 71 9.25 -16.16 14.19
N PRO C 72 8.45 -15.15 14.52
CA PRO C 72 8.73 -13.80 14.03
C PRO C 72 10.05 -13.23 14.51
N ASN C 73 10.71 -13.86 15.50
CA ASN C 73 11.96 -13.37 16.06
C ASN C 73 13.19 -14.11 15.56
N SER C 74 13.04 -15.16 14.74
CA SER C 74 14.19 -15.89 14.21
C SER C 74 14.89 -15.07 13.12
N PRO C 75 16.19 -15.28 12.90
CA PRO C 75 16.81 -14.68 11.70
C PRO C 75 16.15 -15.15 10.42
N LEU C 76 15.45 -16.29 10.47
CA LEU C 76 14.76 -16.79 9.30
C LEU C 76 13.51 -16.00 8.96
N ALA C 77 13.09 -15.06 9.81
CA ALA C 77 11.89 -14.28 9.51
C ALA C 77 12.15 -13.25 8.42
N LYS C 78 13.40 -12.84 8.20
CA LYS C 78 13.77 -12.05 7.03
C LYS C 78 13.96 -12.97 5.81
N ARG C 79 13.18 -12.73 4.75
CA ARG C 79 13.08 -13.68 3.64
C ARG C 79 13.19 -13.00 2.28
N SER C 80 13.72 -11.78 2.25
CA SER C 80 13.80 -10.98 1.03
C SER C 80 15.21 -10.48 0.75
N ILE C 81 15.57 -10.53 -0.54
CA ILE C 81 16.82 -10.01 -1.06
C ILE C 81 16.46 -8.87 -2.01
N TYR C 82 17.11 -7.73 -1.85
CA TYR C 82 16.75 -6.53 -2.63
C TYR C 82 17.86 -6.20 -3.60
N PHE C 83 17.49 -5.57 -4.71
CA PHE C 83 18.36 -5.34 -5.83
C PHE C 83 18.39 -3.88 -6.24
N ASP C 84 19.48 -3.51 -6.93
CA ASP C 84 19.62 -2.19 -7.49
C ASP C 84 18.86 -2.10 -8.80
N PHE C 85 18.68 -0.88 -9.26
CA PHE C 85 17.94 -0.62 -10.49
C PHE C 85 18.57 -1.36 -11.65
N ASP C 86 17.75 -2.17 -12.33
CA ASP C 86 18.12 -2.90 -13.54
C ASP C 86 19.24 -3.92 -13.27
N SER C 87 19.32 -4.40 -12.03
CA SER C 87 20.39 -5.30 -11.62
C SER C 87 19.79 -6.58 -11.08
N TYR C 88 20.40 -7.71 -11.44
CA TYR C 88 20.13 -9.00 -10.81
C TYR C 88 21.34 -9.53 -10.04
N SER C 89 22.24 -8.64 -9.66
CA SER C 89 23.38 -9.00 -8.82
CA SER C 89 23.38 -9.02 -8.82
C SER C 89 22.94 -9.14 -7.37
N VAL C 90 23.29 -10.26 -6.75
CA VAL C 90 22.99 -10.46 -5.34
C VAL C 90 24.14 -9.83 -4.53
N LYS C 91 23.81 -8.82 -3.74
CA LYS C 91 24.85 -8.11 -3.01
C LYS C 91 25.35 -8.92 -1.82
N ASP C 92 26.63 -8.71 -1.51
CA ASP C 92 27.27 -9.46 -0.43
C ASP C 92 26.58 -9.27 0.90
N GLU C 93 25.92 -8.13 1.11
CA GLU C 93 25.25 -7.95 2.39
C GLU C 93 24.15 -8.96 2.62
N TYR C 94 23.68 -9.67 1.57
CA TYR C 94 22.63 -10.67 1.73
C TYR C 94 23.17 -12.10 1.82
N GLN C 95 24.48 -12.29 1.68
CA GLN C 95 25.01 -13.65 1.83
C GLN C 95 24.77 -14.22 3.22
N PRO C 96 24.79 -13.45 4.31
CA PRO C 96 24.47 -14.05 5.61
C PRO C 96 23.04 -14.55 5.70
N LEU C 97 22.08 -13.79 5.17
CA LEU C 97 20.71 -14.25 5.17
CA LEU C 97 20.70 -14.23 5.13
C LEU C 97 20.57 -15.53 4.36
N MET C 98 21.20 -15.60 3.18
CA MET C 98 21.11 -16.81 2.39
C MET C 98 21.76 -17.97 3.13
N GLN C 99 22.86 -17.72 3.85
CA GLN C 99 23.50 -18.80 4.61
C GLN C 99 22.57 -19.34 5.69
N GLN C 100 21.80 -18.48 6.34
CA GLN C 100 20.91 -18.87 7.37
C GLN C 100 19.81 -19.79 6.80
N HIS C 101 19.21 -19.39 5.71
CA HIS C 101 18.18 -20.21 5.09
C HIS C 101 18.78 -21.49 4.50
N ALA C 102 19.98 -21.40 3.93
CA ALA C 102 20.65 -22.60 3.44
C ALA C 102 20.83 -23.60 4.58
N GLN C 103 21.31 -23.13 5.75
CA GLN C 103 21.50 -24.06 6.87
C GLN C 103 20.18 -24.71 7.26
N TYR C 104 19.10 -23.93 7.23
CA TYR C 104 17.80 -24.46 7.55
C TYR C 104 17.38 -25.52 6.54
N LEU C 105 17.49 -25.22 5.25
CA LEU C 105 17.08 -26.17 4.23
C LEU C 105 17.93 -27.43 4.25
N LYS C 106 19.22 -27.32 4.55
CA LYS C 106 20.07 -28.51 4.59
C LYS C 106 19.80 -29.41 5.81
N SER C 107 19.17 -28.89 6.88
CA SER C 107 18.88 -29.63 8.10
C SER C 107 17.39 -29.93 8.18
N HIS C 108 16.65 -29.62 7.13
CA HIS C 108 15.23 -29.94 7.01
C HIS C 108 14.99 -30.39 5.57
N PRO C 109 15.39 -31.64 5.24
CA PRO C 109 15.52 -32.05 3.82
C PRO C 109 14.21 -32.14 3.07
N GLN C 110 13.07 -32.21 3.73
CA GLN C 110 11.78 -32.25 3.04
C GLN C 110 11.11 -30.88 2.94
N ARG C 111 11.77 -29.82 3.40
CA ARG C 111 11.23 -28.46 3.30
C ARG C 111 11.63 -27.86 1.95
N HIS C 112 10.65 -27.32 1.23
CA HIS C 112 10.84 -26.73 -0.09
C HIS C 112 10.63 -25.22 -0.05
N VAL C 113 11.36 -24.49 -0.89
CA VAL C 113 11.20 -23.05 -0.98
C VAL C 113 10.98 -22.63 -2.42
N LEU C 114 10.05 -21.68 -2.64
CA LEU C 114 9.83 -21.07 -3.93
C LEU C 114 10.44 -19.69 -3.89
N ILE C 115 11.39 -19.44 -4.79
CA ILE C 115 12.06 -18.15 -4.86
C ILE C 115 11.31 -17.36 -5.92
N GLN C 116 10.65 -16.27 -5.52
CA GLN C 116 9.88 -15.42 -6.43
C GLN C 116 10.61 -14.11 -6.68
N GLY C 117 10.86 -13.82 -7.96
CA GLY C 117 11.56 -12.61 -8.35
C GLY C 117 10.55 -11.54 -8.79
N ASN C 118 10.86 -10.30 -8.42
CA ASN C 118 9.98 -9.14 -8.62
C ASN C 118 10.79 -7.94 -9.08
N THR C 119 10.09 -7.02 -9.75
CA THR C 119 10.70 -5.79 -10.22
C THR C 119 9.87 -4.58 -9.86
N ASP C 120 10.48 -3.40 -9.96
CA ASP C 120 9.64 -2.20 -9.96
C ASP C 120 9.02 -2.00 -11.34
N GLU C 121 8.14 -1.01 -11.44
CA GLU C 121 7.24 -0.90 -12.58
C GLU C 121 7.89 -0.34 -13.84
N ARG C 122 9.16 0.09 -13.77
CA ARG C 122 9.76 0.79 -14.88
C ARG C 122 10.18 -0.21 -15.95
N GLY C 123 9.78 0.06 -17.19
CA GLY C 123 10.11 -0.81 -18.30
C GLY C 123 8.94 -1.73 -18.64
N THR C 124 9.11 -2.48 -19.73
CA THR C 124 8.01 -3.27 -20.23
C THR C 124 7.72 -4.47 -19.32
N SER C 125 6.47 -4.93 -19.38
CA SER C 125 6.11 -6.16 -18.70
C SER C 125 7.02 -7.30 -19.10
N GLU C 126 7.36 -7.40 -20.38
CA GLU C 126 8.20 -8.52 -20.84
C GLU C 126 9.61 -8.40 -20.29
N TYR C 127 10.19 -7.21 -20.36
CA TYR C 127 11.53 -7.00 -19.82
C TYR C 127 11.56 -7.34 -18.34
N ASN C 128 10.53 -6.94 -17.60
CA ASN C 128 10.53 -7.14 -16.15
C ASN C 128 10.24 -8.58 -15.78
N LEU C 129 9.44 -9.30 -16.57
CA LEU C 129 9.30 -10.73 -16.34
C LEU C 129 10.65 -11.44 -16.43
N ALA C 130 11.45 -11.14 -17.46
CA ALA C 130 12.78 -11.73 -17.62
C ALA C 130 13.73 -11.29 -16.50
N LEU C 131 13.66 -10.00 -16.09
CA LEU C 131 14.54 -9.51 -15.02
C LEU C 131 14.20 -10.16 -13.68
N GLY C 132 12.91 -10.29 -13.36
CA GLY C 132 12.52 -11.00 -12.16
C GLY C 132 12.99 -12.46 -12.16
N GLN C 133 12.94 -13.11 -13.33
CA GLN C 133 13.47 -14.47 -13.44
C GLN C 133 14.96 -14.51 -13.14
N LYS C 134 15.74 -13.59 -13.71
CA LYS C 134 17.17 -13.56 -13.45
C LYS C 134 17.44 -13.35 -11.97
N ARG C 135 16.62 -12.52 -11.32
CA ARG C 135 16.78 -12.27 -9.88
C ARG C 135 16.51 -13.52 -9.07
N ALA C 136 15.42 -14.22 -9.39
CA ALA C 136 15.12 -15.45 -8.70
C ALA C 136 16.21 -16.50 -8.97
N GLU C 137 16.70 -16.60 -10.20
CA GLU C 137 17.71 -17.61 -10.51
C GLU C 137 19.05 -17.29 -9.86
N ALA C 138 19.38 -15.99 -9.71
CA ALA C 138 20.62 -15.63 -9.02
C ALA C 138 20.57 -16.01 -7.55
N VAL C 139 19.41 -15.88 -6.93
CA VAL C 139 19.26 -16.30 -5.54
C VAL C 139 19.31 -17.82 -5.45
N ARG C 140 18.61 -18.52 -6.36
CA ARG C 140 18.68 -19.98 -6.38
C ARG C 140 20.12 -20.46 -6.53
N ARG C 141 20.87 -19.83 -7.43
CA ARG C 141 22.26 -20.21 -7.66
C ARG C 141 23.10 -20.04 -6.41
N ALA C 142 22.93 -18.91 -5.74
CA ALA C 142 23.70 -18.60 -4.55
C ALA C 142 23.39 -19.57 -3.41
N MET C 143 22.12 -20.00 -3.30
CA MET C 143 21.70 -21.00 -2.32
CA MET C 143 21.80 -20.98 -2.27
C MET C 143 22.27 -22.39 -2.64
N ALA C 144 22.29 -22.73 -3.93
CA ALA C 144 22.88 -23.99 -4.36
C ALA C 144 24.37 -24.03 -4.03
N LEU C 145 25.06 -22.91 -4.23
CA LEU C 145 26.49 -22.85 -3.90
C LEU C 145 26.73 -22.99 -2.40
N LEU C 146 25.75 -22.62 -1.58
CA LEU C 146 25.79 -22.81 -0.14
C LEU C 146 25.36 -24.21 0.29
N GLY C 147 25.03 -25.07 -0.67
CA GLY C 147 24.86 -26.47 -0.42
C GLY C 147 23.43 -26.96 -0.49
N ASN C 149 20.27 -28.59 -1.90
CA ASN C 149 19.97 -29.49 -3.00
C ASN C 149 18.91 -28.89 -3.91
N ASP C 150 19.12 -29.02 -5.24
CA ASP C 150 18.21 -28.38 -6.18
CA ASP C 150 18.20 -28.36 -6.16
C ASP C 150 16.79 -28.89 -6.04
N SER C 151 16.62 -30.10 -5.51
CA SER C 151 15.29 -30.68 -5.38
CA SER C 151 15.30 -30.69 -5.38
C SER C 151 14.42 -29.94 -4.38
N GLN C 152 15.01 -29.10 -3.52
CA GLN C 152 14.23 -28.32 -2.57
C GLN C 152 13.95 -26.87 -3.03
N MET C 153 14.32 -26.48 -4.24
CA MET C 153 14.17 -25.09 -4.70
C MET C 153 13.51 -25.03 -6.08
N GLU C 154 12.68 -24.00 -6.28
CA GLU C 154 12.20 -23.59 -7.60
C GLU C 154 12.35 -22.08 -7.69
N ALA C 155 12.51 -21.55 -8.90
CA ALA C 155 12.63 -20.11 -9.14
C ALA C 155 11.58 -19.69 -10.17
N VAL C 156 10.84 -18.62 -9.86
CA VAL C 156 9.79 -18.12 -10.71
C VAL C 156 9.81 -16.59 -10.67
N SER C 157 9.17 -15.99 -11.66
CA SER C 157 9.19 -14.54 -11.82
C SER C 157 7.75 -14.03 -11.78
N LEU C 158 7.54 -13.00 -11.00
CA LEU C 158 6.29 -12.26 -11.01
C LEU C 158 6.42 -10.95 -11.78
N GLY C 159 7.57 -10.70 -12.41
CA GLY C 159 7.80 -9.46 -13.11
C GLY C 159 7.43 -8.25 -12.27
N LYS C 160 6.75 -7.28 -12.90
CA LYS C 160 6.25 -6.12 -12.19
C LYS C 160 4.80 -6.28 -11.78
N GLU C 161 4.26 -7.50 -11.83
CA GLU C 161 2.82 -7.67 -11.72
C GLU C 161 2.30 -7.70 -10.29
N LYS C 162 3.13 -7.93 -9.28
CA LYS C 162 2.66 -8.05 -7.90
C LYS C 162 3.45 -7.13 -6.98
N PRO C 163 3.32 -5.83 -7.17
CA PRO C 163 4.05 -4.88 -6.33
C PRO C 163 3.64 -4.95 -4.87
N GLN C 164 4.64 -4.91 -4.01
CA GLN C 164 4.43 -4.84 -2.57
C GLN C 164 4.09 -3.43 -2.14
N ALA C 165 4.85 -2.47 -2.64
CA ALA C 165 4.55 -1.05 -2.46
C ALA C 165 3.97 -0.53 -3.77
N THR C 166 2.88 0.22 -3.67
CA THR C 166 2.07 0.57 -4.83
C THR C 166 2.29 2.01 -5.29
N GLY C 167 3.23 2.73 -4.68
CA GLY C 167 3.53 4.07 -5.11
C GLY C 167 4.39 4.14 -6.36
N HIS C 168 4.49 5.35 -6.89
CA HIS C 168 5.17 5.55 -8.15
C HIS C 168 6.38 6.44 -7.96
N ASP C 169 7.27 6.05 -7.05
CA ASP C 169 8.55 6.71 -6.86
C ASP C 169 9.49 5.72 -6.20
N GLU C 170 10.74 6.15 -6.00
CA GLU C 170 11.79 5.23 -5.58
C GLU C 170 11.55 4.66 -4.19
N ALA C 171 10.77 5.35 -3.36
CA ALA C 171 10.46 4.83 -2.04
C ALA C 171 9.67 3.53 -2.12
N SER C 172 8.84 3.40 -3.14
CA SER C 172 8.13 2.16 -3.42
C SER C 172 8.99 1.22 -4.27
N TRP C 173 9.58 1.77 -5.33
CA TRP C 173 10.29 0.92 -6.28
C TRP C 173 11.41 0.15 -5.61
N ALA C 174 12.09 0.74 -4.62
CA ALA C 174 13.19 0.00 -4.01
C ALA C 174 12.67 -1.24 -3.29
N GLN C 175 11.43 -1.20 -2.81
CA GLN C 175 10.88 -2.34 -2.08
C GLN C 175 10.43 -3.44 -3.02
N ASN C 176 10.21 -3.12 -4.28
CA ASN C 176 9.73 -4.09 -5.26
C ASN C 176 10.83 -4.75 -6.10
N ARG C 177 12.08 -4.26 -6.07
CA ARG C 177 13.22 -4.90 -6.74
C ARG C 177 13.72 -5.97 -5.79
N ARG C 178 13.13 -7.16 -5.83
CA ARG C 178 13.18 -8.01 -4.66
C ARG C 178 12.88 -9.46 -5.02
N ALA C 179 13.63 -10.37 -4.41
CA ALA C 179 13.34 -11.79 -4.49
C ALA C 179 12.99 -12.28 -3.10
N ASP C 180 11.89 -13.03 -3.01
CA ASP C 180 11.40 -13.58 -1.76
C ASP C 180 11.61 -15.09 -1.71
N LEU C 181 12.00 -15.56 -0.52
CA LEU C 181 12.01 -16.99 -0.18
C LEU C 181 10.64 -17.34 0.39
N VAL C 182 9.86 -18.09 -0.36
CA VAL C 182 8.49 -18.45 0.00
C VAL C 182 8.46 -19.92 0.35
N TYR C 183 8.41 -20.23 1.64
CA TYR C 183 8.38 -21.62 2.08
C TYR C 183 7.03 -22.26 1.82
N GLN C 184 7.07 -23.53 1.40
CA GLN C 184 5.87 -24.26 0.99
C GLN C 184 5.33 -25.09 2.14
#